data_7U6I
#
_entry.id   7U6I
#
_cell.length_a   165.480
_cell.length_b   165.480
_cell.length_c   105.332
_cell.angle_alpha   90.000
_cell.angle_beta   90.000
_cell.angle_gamma   120.000
#
_symmetry.space_group_name_H-M   'P 62 2 2'
#
loop_
_entity.id
_entity.type
_entity.pdbx_description
1 polymer 'Halogenase B'
2 non-polymer 'SUCCINIC ACID'
3 non-polymer GLYCINE
4 non-polymer GLYCEROL
5 water water
#
_entity_poly.entity_id   1
_entity_poly.type   'polypeptide(L)'
_entity_poly.pdbx_seq_one_letter_code
;MTENSITAANVEELIAKNIAERFADDHEVLGLSQHFRREGYVKLPGLVSPEVFDAVAAETHQLIDTHQKRIDIRLKETGD
SPRYMSTVGQKAIATDGSLIPAVYESTALKGFLSRLAKEEVMGCPWDEEKYIITRQHQKGDTHGWHWGDFSFTVIWLIEA
PSLEYGGMLQCIPHTDWNKDDPRVEDYLQKHPIRSYGHAKGDLYLLRSDTTLHRTVPLNADRTRIILNTCWASRADQQKA
TTHETMNAMFD
;
_entity_poly.pdbx_strand_id   A,B
#
loop_
_chem_comp.id
_chem_comp.type
_chem_comp.name
_chem_comp.formula
GOL non-polymer GLYCEROL 'C3 H8 O3'
SIN non-polymer 'SUCCINIC ACID' 'C4 H6 O4'
#
# COMPACT_ATOMS: atom_id res chain seq x y z
N SER A 5 21.18 -36.31 -6.50
CA SER A 5 19.85 -36.18 -7.08
C SER A 5 18.78 -36.41 -6.03
N ILE A 6 17.83 -35.47 -5.94
CA ILE A 6 16.74 -35.53 -4.97
C ILE A 6 15.50 -36.00 -5.70
N THR A 7 14.86 -37.04 -5.19
CA THR A 7 13.71 -37.67 -5.83
C THR A 7 12.53 -37.71 -4.87
N ALA A 8 11.38 -38.13 -5.41
CA ALA A 8 10.17 -38.25 -4.59
C ALA A 8 10.30 -39.33 -3.52
N ALA A 9 11.28 -40.24 -3.66
CA ALA A 9 11.43 -41.34 -2.71
C ALA A 9 12.40 -41.01 -1.57
N ASN A 10 13.31 -40.06 -1.76
CA ASN A 10 14.31 -39.73 -0.75
C ASN A 10 14.14 -38.32 -0.20
N VAL A 11 13.09 -37.61 -0.59
CA VAL A 11 12.97 -36.22 -0.17
C VAL A 11 12.42 -36.10 1.26
N GLU A 12 11.55 -37.02 1.68
CA GLU A 12 10.96 -36.90 3.01
C GLU A 12 11.99 -37.10 4.10
N GLU A 13 13.00 -37.94 3.85
CA GLU A 13 14.11 -38.07 4.79
C GLU A 13 14.92 -36.78 4.86
N LEU A 14 15.24 -36.19 3.70
CA LEU A 14 16.02 -34.96 3.67
C LEU A 14 15.28 -33.81 4.34
N ILE A 15 13.95 -33.82 4.29
CA ILE A 15 13.19 -32.77 4.96
C ILE A 15 13.25 -32.95 6.48
N ALA A 16 13.13 -34.19 6.96
CA ALA A 16 13.05 -34.42 8.40
C ALA A 16 14.39 -34.15 9.08
N LYS A 17 15.50 -34.53 8.44
CA LYS A 17 16.80 -34.30 9.05
C LYS A 17 17.14 -32.81 9.08
N ASN A 18 16.74 -32.06 8.05
CA ASN A 18 16.97 -30.62 8.05
C ASN A 18 16.15 -29.93 9.15
N ILE A 19 14.91 -30.37 9.35
CA ILE A 19 14.08 -29.78 10.39
C ILE A 19 14.65 -30.10 11.77
N ALA A 20 15.16 -31.32 11.94
CA ALA A 20 15.77 -31.69 13.22
C ALA A 20 17.01 -30.86 13.51
N GLU A 21 17.78 -30.53 12.47
CA GLU A 21 18.99 -29.73 12.65
C GLU A 21 18.65 -28.25 12.80
N ARG A 22 17.79 -27.73 11.92
CA ARG A 22 17.57 -26.29 11.87
C ARG A 22 16.75 -25.79 13.05
N PHE A 23 15.76 -26.57 13.48
CA PHE A 23 14.84 -26.11 14.52
C PHE A 23 14.98 -26.94 15.79
N ALA A 24 16.17 -26.92 16.40
CA ALA A 24 16.39 -27.64 17.65
C ALA A 24 16.05 -26.80 18.87
N ASP A 25 16.22 -25.48 18.79
CA ASP A 25 15.94 -24.60 19.92
C ASP A 25 14.42 -24.45 20.06
N ASP A 26 13.88 -24.99 21.14
CA ASP A 26 12.44 -24.85 21.39
C ASP A 26 12.06 -23.40 21.62
N HIS A 27 12.96 -22.60 22.17
CA HIS A 27 12.66 -21.19 22.39
C HIS A 27 12.56 -20.42 21.07
N GLU A 28 13.44 -20.76 20.11
CA GLU A 28 13.33 -20.16 18.79
C GLU A 28 12.01 -20.52 18.13
N VAL A 29 11.61 -21.79 18.24
CA VAL A 29 10.35 -22.23 17.63
C VAL A 29 9.17 -21.52 18.30
N LEU A 30 9.25 -21.29 19.60
CA LEU A 30 8.17 -20.61 20.30
C LEU A 30 7.99 -19.18 19.79
N GLY A 31 9.11 -18.48 19.56
CA GLY A 31 9.02 -17.14 19.00
C GLY A 31 8.44 -17.13 17.60
N LEU A 32 8.79 -18.13 16.79
CA LEU A 32 8.23 -18.23 15.44
C LEU A 32 6.74 -18.49 15.48
N SER A 33 6.29 -19.35 16.40
CA SER A 33 4.87 -19.61 16.55
C SER A 33 4.12 -18.34 16.96
N GLN A 34 4.69 -17.57 17.89
CA GLN A 34 4.03 -16.36 18.36
C GLN A 34 4.01 -15.28 17.28
N HIS A 35 5.08 -15.20 16.49
CA HIS A 35 5.07 -14.27 15.35
C HIS A 35 3.99 -14.64 14.35
N PHE A 36 3.86 -15.93 14.04
CA PHE A 36 2.84 -16.38 13.11
C PHE A 36 1.44 -16.04 13.61
N ARG A 37 1.19 -16.29 14.90
CA ARG A 37 -0.15 -16.06 15.44
C ARG A 37 -0.46 -14.57 15.55
N ARG A 38 0.53 -13.76 15.95
CA ARG A 38 0.29 -12.33 16.12
C ARG A 38 0.12 -11.63 14.78
N GLU A 39 0.99 -11.92 13.82
CA GLU A 39 1.07 -11.16 12.59
C GLU A 39 0.45 -11.88 11.39
N GLY A 40 -0.06 -13.09 11.58
CA GLY A 40 -0.53 -13.88 10.44
C GLY A 40 0.55 -14.26 9.46
N TYR A 41 1.82 -14.10 9.83
CA TYR A 41 2.94 -14.32 8.94
C TYR A 41 4.17 -14.62 9.78
N VAL A 42 5.06 -15.46 9.25
CA VAL A 42 6.37 -15.64 9.84
C VAL A 42 7.35 -16.10 8.77
N LYS A 43 8.52 -15.47 8.71
CA LYS A 43 9.57 -15.91 7.81
C LYS A 43 10.27 -17.13 8.40
N LEU A 44 10.49 -18.14 7.57
CA LEU A 44 11.02 -19.42 8.02
C LEU A 44 12.27 -19.75 7.21
N PRO A 45 13.38 -19.08 7.49
CA PRO A 45 14.64 -19.40 6.79
C PRO A 45 15.12 -20.80 7.16
N GLY A 46 15.51 -21.56 6.14
CA GLY A 46 15.95 -22.93 6.38
C GLY A 46 14.84 -23.91 6.67
N LEU A 47 13.60 -23.60 6.30
CA LEU A 47 12.52 -24.56 6.44
C LEU A 47 12.85 -25.84 5.69
N VAL A 48 13.51 -25.72 4.54
CA VAL A 48 14.10 -26.85 3.83
C VAL A 48 15.55 -26.51 3.52
N SER A 49 16.34 -27.56 3.29
CA SER A 49 17.74 -27.36 2.97
C SER A 49 17.89 -26.64 1.63
N PRO A 50 19.02 -25.97 1.41
CA PRO A 50 19.24 -25.35 0.10
C PRO A 50 19.20 -26.35 -1.05
N GLU A 51 19.67 -27.57 -0.81
CA GLU A 51 19.67 -28.59 -1.86
C GLU A 51 18.23 -29.04 -2.18
N VAL A 52 17.39 -29.15 -1.15
CA VAL A 52 15.99 -29.47 -1.39
C VAL A 52 15.29 -28.32 -2.09
N PHE A 53 15.63 -27.08 -1.72
CA PHE A 53 15.00 -25.92 -2.35
C PHE A 53 15.38 -25.84 -3.84
N ASP A 54 16.66 -26.01 -4.15
CA ASP A 54 17.11 -25.91 -5.53
C ASP A 54 16.44 -26.97 -6.41
N ALA A 55 16.20 -28.16 -5.84
CA ALA A 55 15.53 -29.20 -6.60
C ALA A 55 14.08 -28.84 -6.87
N VAL A 56 13.39 -28.29 -5.88
CA VAL A 56 12.01 -27.85 -6.08
C VAL A 56 11.97 -26.69 -7.05
N ALA A 57 12.95 -25.78 -6.97
CA ALA A 57 13.00 -24.66 -7.90
C ALA A 57 13.15 -25.14 -9.35
N ALA A 58 14.00 -26.14 -9.56
CA ALA A 58 14.19 -26.68 -10.91
C ALA A 58 12.89 -27.27 -11.45
N GLU A 59 12.17 -28.03 -10.62
CA GLU A 59 10.91 -28.62 -11.06
C GLU A 59 9.88 -27.53 -11.37
N THR A 60 9.85 -26.47 -10.56
N THR A 60 9.86 -26.46 -10.57
CA THR A 60 8.91 -25.38 -10.83
CA THR A 60 8.94 -25.37 -10.81
C THR A 60 9.22 -24.69 -12.16
C THR A 60 9.23 -24.69 -12.14
N HIS A 61 10.51 -24.51 -12.47
CA HIS A 61 10.89 -23.86 -13.71
C HIS A 61 10.48 -24.70 -14.92
N GLN A 62 10.65 -26.02 -14.82
CA GLN A 62 10.19 -26.90 -15.89
C GLN A 62 8.69 -26.80 -16.08
N LEU A 63 7.94 -26.76 -14.98
CA LEU A 63 6.49 -26.70 -15.07
C LEU A 63 6.00 -25.37 -15.62
N ILE A 64 6.73 -24.28 -15.35
CA ILE A 64 6.38 -22.98 -15.93
C ILE A 64 6.54 -23.03 -17.43
N ASP A 65 7.67 -23.57 -17.90
CA ASP A 65 7.97 -23.58 -19.33
C ASP A 65 6.97 -24.38 -20.14
N THR A 66 6.26 -25.33 -19.53
CA THR A 66 5.35 -26.19 -20.25
C THR A 66 3.88 -25.93 -19.97
N HIS A 67 3.54 -25.10 -18.98
CA HIS A 67 2.14 -24.95 -18.59
C HIS A 67 1.71 -23.54 -18.22
N GLN A 68 2.61 -22.56 -18.18
CA GLN A 68 2.23 -21.24 -17.70
C GLN A 68 1.21 -20.60 -18.64
N LYS A 69 0.21 -19.94 -18.04
CA LYS A 69 -0.81 -19.23 -18.79
C LYS A 69 -0.91 -17.81 -18.24
N ARG A 70 -1.01 -16.85 -19.16
CA ARG A 70 -1.08 -15.45 -18.78
C ARG A 70 -2.50 -15.08 -18.36
N ILE A 71 -2.61 -14.35 -17.25
CA ILE A 71 -3.89 -13.81 -16.80
C ILE A 71 -3.71 -12.32 -16.52
N ASP A 72 -4.78 -11.56 -16.77
CA ASP A 72 -4.83 -10.13 -16.50
C ASP A 72 -6.29 -9.83 -16.10
N ILE A 73 -6.61 -10.13 -14.84
CA ILE A 73 -7.98 -10.10 -14.37
C ILE A 73 -8.07 -9.28 -13.09
N ARG A 74 -9.29 -8.87 -12.76
CA ARG A 74 -9.61 -8.21 -11.50
C ARG A 74 -10.79 -8.94 -10.88
N LEU A 75 -10.69 -9.21 -9.58
CA LEU A 75 -11.62 -10.11 -8.90
C LEU A 75 -12.58 -9.28 -8.05
N LYS A 76 -13.85 -9.27 -8.46
CA LYS A 76 -14.87 -8.53 -7.71
C LYS A 76 -14.95 -9.02 -6.26
N GLU A 77 -14.74 -10.31 -6.04
CA GLU A 77 -14.85 -10.89 -4.71
C GLU A 77 -13.75 -10.44 -3.77
N THR A 78 -12.69 -9.80 -4.28
CA THR A 78 -11.65 -9.22 -3.45
C THR A 78 -11.50 -7.73 -3.74
N GLY A 79 -12.63 -7.05 -3.93
CA GLY A 79 -12.63 -5.61 -4.13
C GLY A 79 -12.04 -5.17 -5.45
N ASP A 80 -12.16 -5.99 -6.51
CA ASP A 80 -11.62 -5.68 -7.83
C ASP A 80 -10.10 -5.55 -7.82
N SER A 81 -9.44 -6.25 -6.91
CA SER A 81 -7.99 -6.27 -6.88
C SER A 81 -7.46 -7.08 -8.07
N PRO A 82 -6.32 -6.68 -8.64
CA PRO A 82 -5.85 -7.32 -9.86
C PRO A 82 -5.07 -8.60 -9.60
N ARG A 83 -5.05 -9.44 -10.64
CA ARG A 83 -4.14 -10.60 -10.73
C ARG A 83 -3.47 -10.48 -12.10
N TYR A 84 -2.33 -9.79 -12.14
CA TYR A 84 -1.57 -9.59 -13.36
C TYR A 84 -0.32 -10.46 -13.25
N MET A 85 -0.33 -11.60 -13.95
CA MET A 85 0.72 -12.60 -13.77
C MET A 85 0.51 -13.72 -14.80
N SER A 86 1.50 -14.61 -14.86
CA SER A 86 1.38 -15.91 -15.49
C SER A 86 1.38 -16.98 -14.40
N THR A 87 0.68 -18.08 -14.65
CA THR A 87 0.42 -19.00 -13.56
C THR A 87 0.38 -20.44 -14.06
N VAL A 88 0.56 -21.37 -13.12
CA VAL A 88 0.51 -22.81 -13.37
C VAL A 88 -0.42 -23.43 -12.33
N GLY A 89 -1.42 -24.18 -12.80
CA GLY A 89 -2.41 -24.75 -11.91
C GLY A 89 -1.97 -26.04 -11.25
N GLN A 90 -2.79 -26.48 -10.29
CA GLN A 90 -2.46 -27.67 -9.51
C GLN A 90 -2.51 -28.93 -10.38
N LYS A 91 -3.51 -29.04 -11.25
CA LYS A 91 -3.67 -30.24 -12.07
C LYS A 91 -2.42 -30.50 -12.91
N ALA A 92 -1.82 -29.44 -13.45
CA ALA A 92 -0.60 -29.59 -14.22
C ALA A 92 0.56 -30.06 -13.35
N ILE A 93 0.63 -29.55 -12.11
CA ILE A 93 1.70 -29.93 -11.21
C ILE A 93 1.55 -31.38 -10.77
N ALA A 94 0.31 -31.80 -10.47
CA ALA A 94 0.08 -33.17 -10.05
C ALA A 94 0.31 -34.17 -11.18
N THR A 95 0.28 -33.72 -12.44
CA THR A 95 0.40 -34.61 -13.58
C THR A 95 1.84 -34.77 -14.05
N ASP A 96 2.56 -33.66 -14.24
CA ASP A 96 3.92 -33.68 -14.74
C ASP A 96 4.96 -33.31 -13.68
N GLY A 97 4.56 -33.11 -12.43
CA GLY A 97 5.48 -32.86 -11.35
C GLY A 97 5.74 -34.12 -10.53
N SER A 98 6.78 -34.05 -9.70
CA SER A 98 7.18 -35.18 -8.89
C SER A 98 7.54 -34.74 -7.47
N LEU A 99 8.49 -33.82 -7.35
CA LEU A 99 8.94 -33.39 -6.03
C LEU A 99 7.86 -32.59 -5.30
N ILE A 100 7.14 -31.73 -6.03
CA ILE A 100 6.14 -30.88 -5.39
C ILE A 100 5.01 -31.69 -4.77
N PRO A 101 4.38 -32.65 -5.47
CA PRO A 101 3.34 -33.45 -4.80
C PRO A 101 3.87 -34.25 -3.63
N ALA A 102 5.14 -34.67 -3.67
CA ALA A 102 5.70 -35.42 -2.56
C ALA A 102 5.97 -34.53 -1.36
N VAL A 103 6.48 -33.31 -1.60
CA VAL A 103 6.71 -32.36 -0.50
C VAL A 103 5.38 -32.00 0.17
N TYR A 104 4.30 -31.92 -0.61
CA TYR A 104 3.01 -31.57 -0.04
C TYR A 104 2.51 -32.62 0.95
N GLU A 105 2.95 -33.87 0.81
CA GLU A 105 2.55 -34.94 1.71
C GLU A 105 3.58 -35.19 2.81
N SER A 106 4.60 -34.35 2.92
CA SER A 106 5.66 -34.51 3.91
C SER A 106 5.10 -34.49 5.33
N THR A 107 5.19 -35.61 6.04
CA THR A 107 4.76 -35.66 7.43
C THR A 107 5.65 -34.77 8.29
N ALA A 108 6.95 -34.74 7.99
CA ALA A 108 7.87 -33.92 8.77
C ALA A 108 7.56 -32.43 8.61
N LEU A 109 7.25 -32.00 7.39
CA LEU A 109 6.91 -30.59 7.17
C LEU A 109 5.61 -30.21 7.86
N LYS A 110 4.57 -31.03 7.68
CA LYS A 110 3.29 -30.75 8.32
C LYS A 110 3.37 -30.86 9.83
N GLY A 111 4.31 -31.66 10.35
CA GLY A 111 4.49 -31.74 11.79
C GLY A 111 5.13 -30.50 12.37
N PHE A 112 6.08 -29.91 11.66
CA PHE A 112 6.70 -28.68 12.14
C PHE A 112 5.73 -27.51 12.07
N LEU A 113 5.05 -27.35 10.93
CA LEU A 113 4.04 -26.30 10.81
C LEU A 113 2.95 -26.45 11.87
N SER A 114 2.67 -27.70 12.27
CA SER A 114 1.69 -27.92 13.34
C SER A 114 2.17 -27.36 14.67
N ARG A 115 3.48 -27.41 14.92
CA ARG A 115 4.03 -26.77 16.12
C ARG A 115 3.78 -25.26 16.09
N LEU A 116 4.02 -24.64 14.94
CA LEU A 116 3.82 -23.19 14.82
C LEU A 116 2.35 -22.82 14.98
N ALA A 117 1.46 -23.59 14.35
CA ALA A 117 0.03 -23.29 14.39
C ALA A 117 -0.64 -23.74 15.68
N LYS A 118 0.02 -24.58 16.49
CA LYS A 118 -0.55 -25.14 17.70
C LYS A 118 -1.84 -25.91 17.41
N GLU A 119 -1.94 -26.47 16.21
CA GLU A 119 -3.05 -27.34 15.83
C GLU A 119 -2.59 -28.14 14.61
N GLU A 120 -3.37 -29.17 14.27
CA GLU A 120 -2.97 -30.08 13.21
C GLU A 120 -3.04 -29.39 11.86
N VAL A 121 -1.90 -29.35 11.16
CA VAL A 121 -1.82 -28.86 9.79
C VAL A 121 -1.91 -30.07 8.86
N MET A 122 -2.93 -30.10 8.02
CA MET A 122 -3.22 -31.28 7.23
C MET A 122 -3.54 -30.88 5.79
N GLY A 123 -3.87 -31.89 4.99
CA GLY A 123 -4.05 -31.67 3.56
C GLY A 123 -5.31 -30.87 3.25
N CYS A 124 -5.24 -30.13 2.15
CA CYS A 124 -6.37 -29.31 1.71
C CYS A 124 -7.49 -30.22 1.20
N PRO A 125 -8.74 -29.97 1.58
CA PRO A 125 -9.84 -30.83 1.11
C PRO A 125 -10.18 -30.63 -0.35
N TRP A 126 -9.85 -29.49 -0.95
CA TRP A 126 -10.03 -29.25 -2.37
C TRP A 126 -8.70 -29.46 -3.07
N ASP A 127 -8.64 -30.45 -3.96
CA ASP A 127 -7.37 -30.84 -4.57
C ASP A 127 -6.72 -29.70 -5.32
N GLU A 128 -7.52 -28.86 -5.98
CA GLU A 128 -7.00 -27.84 -6.88
C GLU A 128 -6.37 -26.65 -6.16
N GLU A 129 -6.41 -26.60 -4.82
CA GLU A 129 -5.74 -25.56 -4.06
C GLU A 129 -4.52 -26.07 -3.30
N LYS A 130 -4.12 -27.33 -3.55
CA LYS A 130 -3.01 -27.90 -2.80
C LYS A 130 -1.69 -27.21 -3.12
N TYR A 131 -1.41 -27.01 -4.41
CA TYR A 131 -0.19 -26.30 -4.80
C TYR A 131 -0.40 -25.62 -6.14
N ILE A 132 0.10 -24.39 -6.25
CA ILE A 132 0.05 -23.61 -7.48
C ILE A 132 1.36 -22.85 -7.63
N ILE A 133 1.57 -22.33 -8.84
CA ILE A 133 2.75 -21.53 -9.16
C ILE A 133 2.28 -20.23 -9.82
N THR A 134 2.90 -19.11 -9.43
CA THR A 134 2.67 -17.83 -10.09
C THR A 134 4.01 -17.25 -10.53
N ARG A 135 3.99 -16.58 -11.68
CA ARG A 135 5.17 -15.94 -12.24
C ARG A 135 4.82 -14.52 -12.63
N GLN A 136 5.44 -13.55 -11.97
CA GLN A 136 5.30 -12.14 -12.31
C GLN A 136 6.50 -11.75 -13.17
N HIS A 137 6.24 -11.25 -14.37
CA HIS A 137 7.31 -11.01 -15.32
C HIS A 137 7.17 -9.73 -16.14
N GLN A 138 6.14 -8.92 -15.90
CA GLN A 138 5.95 -7.66 -16.60
C GLN A 138 5.86 -6.52 -15.60
N LYS A 139 6.21 -5.33 -16.05
CA LYS A 139 5.99 -4.13 -15.26
C LYS A 139 4.50 -4.00 -14.94
N GLY A 140 4.18 -3.84 -13.67
CA GLY A 140 2.81 -3.76 -13.22
C GLY A 140 2.23 -5.07 -12.73
N ASP A 141 2.94 -6.18 -12.90
CA ASP A 141 2.46 -7.48 -12.42
C ASP A 141 2.36 -7.48 -10.91
N THR A 142 1.30 -8.12 -10.40
CA THR A 142 1.01 -8.08 -8.98
C THR A 142 0.02 -9.17 -8.62
N HIS A 143 0.14 -9.68 -7.40
CA HIS A 143 -0.89 -10.50 -6.78
C HIS A 143 -1.65 -9.58 -5.83
N GLY A 144 -2.81 -9.11 -6.28
CA GLY A 144 -3.53 -8.06 -5.58
C GLY A 144 -4.09 -8.52 -4.24
N TRP A 145 -4.68 -7.55 -3.53
CA TRP A 145 -5.25 -7.79 -2.21
C TRP A 145 -6.21 -8.96 -2.24
N HIS A 146 -6.01 -9.89 -1.31
CA HIS A 146 -6.89 -11.06 -1.24
C HIS A 146 -6.70 -11.77 0.09
N TRP A 147 -7.63 -12.67 0.38
CA TRP A 147 -7.49 -13.69 1.40
C TRP A 147 -7.38 -15.04 0.70
N GLY A 148 -7.31 -16.11 1.52
CA GLY A 148 -7.34 -17.47 1.03
C GLY A 148 -8.56 -18.19 1.55
N ASP A 149 -8.87 -19.32 0.92
CA ASP A 149 -9.97 -20.16 1.38
C ASP A 149 -9.57 -21.06 2.53
N PHE A 150 -8.27 -21.30 2.73
CA PHE A 150 -7.79 -22.25 3.71
C PHE A 150 -6.71 -21.57 4.57
N SER A 151 -6.20 -22.32 5.55
CA SER A 151 -5.59 -21.69 6.72
C SER A 151 -4.08 -21.51 6.61
N PHE A 152 -3.35 -22.50 6.11
CA PHE A 152 -1.89 -22.52 6.24
C PHE A 152 -1.24 -22.57 4.85
N THR A 153 -0.57 -21.49 4.48
CA THR A 153 0.06 -21.35 3.18
C THR A 153 1.55 -21.10 3.36
N VAL A 154 2.37 -21.90 2.67
CA VAL A 154 3.82 -21.72 2.64
C VAL A 154 4.20 -21.25 1.24
N ILE A 155 4.92 -20.13 1.15
CA ILE A 155 5.34 -19.54 -0.11
C ILE A 155 6.84 -19.75 -0.27
N TRP A 156 7.23 -20.27 -1.43
CA TRP A 156 8.64 -20.52 -1.76
C TRP A 156 9.08 -19.46 -2.76
N LEU A 157 10.10 -18.69 -2.39
CA LEU A 157 10.61 -17.63 -3.27
C LEU A 157 11.58 -18.25 -4.28
N ILE A 158 11.03 -18.70 -5.41
CA ILE A 158 11.85 -19.35 -6.43
C ILE A 158 12.77 -18.33 -7.10
N GLU A 159 12.21 -17.22 -7.55
CA GLU A 159 12.97 -16.11 -8.11
C GLU A 159 12.37 -14.80 -7.63
N ALA A 160 13.21 -13.78 -7.48
CA ALA A 160 12.73 -12.49 -7.04
C ALA A 160 13.75 -11.41 -7.36
N PRO A 161 13.33 -10.24 -7.81
CA PRO A 161 14.26 -9.13 -8.02
C PRO A 161 14.51 -8.40 -6.69
N SER A 162 15.38 -7.40 -6.75
CA SER A 162 15.57 -6.54 -5.59
C SER A 162 14.30 -5.77 -5.29
N LEU A 163 14.10 -5.44 -4.02
CA LEU A 163 12.81 -4.94 -3.57
C LEU A 163 12.50 -3.53 -4.08
N GLU A 164 13.51 -2.78 -4.54
CA GLU A 164 13.20 -1.49 -5.14
C GLU A 164 12.41 -1.62 -6.44
N TYR A 165 12.29 -2.83 -6.97
CA TYR A 165 11.58 -3.08 -8.22
C TYR A 165 10.22 -3.73 -7.98
N GLY A 166 9.80 -3.86 -6.73
CA GLY A 166 8.51 -4.42 -6.40
C GLY A 166 8.63 -5.81 -5.80
N GLY A 167 7.46 -6.39 -5.52
CA GLY A 167 7.37 -7.73 -4.97
C GLY A 167 7.21 -7.80 -3.47
N MET A 168 7.21 -6.66 -2.78
CA MET A 168 7.09 -6.65 -1.33
C MET A 168 5.75 -7.21 -0.90
N LEU A 169 5.77 -8.08 0.11
CA LEU A 169 4.55 -8.59 0.70
C LEU A 169 4.02 -7.62 1.73
N GLN A 170 2.70 -7.42 1.74
CA GLN A 170 2.03 -6.56 2.69
C GLN A 170 0.88 -7.32 3.32
N CYS A 171 0.68 -7.14 4.63
CA CYS A 171 -0.26 -7.97 5.38
C CYS A 171 -1.06 -7.15 6.35
N ILE A 172 -2.30 -7.57 6.58
CA ILE A 172 -3.14 -7.11 7.68
C ILE A 172 -3.76 -8.34 8.33
N PRO A 173 -3.28 -8.77 9.49
CA PRO A 173 -3.79 -10.00 10.10
C PRO A 173 -5.09 -9.77 10.85
N HIS A 174 -5.71 -10.88 11.25
CA HIS A 174 -6.93 -10.87 12.06
C HIS A 174 -8.06 -10.11 11.37
N THR A 175 -8.26 -10.42 10.10
CA THR A 175 -9.37 -9.94 9.30
C THR A 175 -10.15 -11.16 8.79
N ASP A 176 -11.14 -10.91 7.93
CA ASP A 176 -11.94 -11.99 7.38
C ASP A 176 -12.33 -11.66 5.96
N TRP A 177 -12.67 -12.70 5.20
CA TRP A 177 -13.00 -12.59 3.78
C TRP A 177 -14.52 -12.76 3.61
N ASN A 178 -15.20 -11.66 3.31
CA ASN A 178 -16.62 -11.68 2.95
C ASN A 178 -16.67 -11.49 1.44
N LYS A 179 -16.93 -12.59 0.71
CA LYS A 179 -16.88 -12.55 -0.74
C LYS A 179 -17.97 -11.68 -1.35
N ASP A 180 -19.07 -11.44 -0.62
CA ASP A 180 -20.13 -10.57 -1.12
C ASP A 180 -19.92 -9.11 -0.76
N ASP A 181 -19.06 -8.81 0.22
CA ASP A 181 -18.78 -7.45 0.64
C ASP A 181 -17.38 -7.39 1.23
N PRO A 182 -16.35 -7.45 0.38
CA PRO A 182 -14.98 -7.58 0.89
C PRO A 182 -14.50 -6.39 1.69
N ARG A 183 -14.88 -5.17 1.30
CA ARG A 183 -14.57 -3.96 2.07
C ARG A 183 -13.06 -3.81 2.28
N VAL A 184 -12.30 -3.98 1.19
CA VAL A 184 -10.84 -3.95 1.29
C VAL A 184 -10.36 -2.58 1.75
N GLU A 185 -10.93 -1.51 1.17
CA GLU A 185 -10.49 -0.16 1.51
C GLU A 185 -10.76 0.16 2.97
N ASP A 186 -11.88 -0.34 3.51
CA ASP A 186 -12.20 -0.11 4.91
C ASP A 186 -11.18 -0.79 5.82
N TYR A 187 -10.68 -1.95 5.42
CA TYR A 187 -9.67 -2.66 6.21
C TYR A 187 -8.35 -1.89 6.23
N LEU A 188 -7.95 -1.34 5.09
CA LEU A 188 -6.69 -0.60 5.03
C LEU A 188 -6.75 0.65 5.91
N GLN A 189 -7.92 1.31 5.97
CA GLN A 189 -8.04 2.51 6.77
C GLN A 189 -8.09 2.21 8.27
N LYS A 190 -8.61 1.04 8.64
CA LYS A 190 -8.82 0.71 10.03
C LYS A 190 -7.63 0.03 10.69
N HIS A 191 -6.62 -0.37 9.93
CA HIS A 191 -5.53 -1.16 10.49
C HIS A 191 -4.21 -0.76 9.84
N PRO A 192 -3.10 -0.94 10.56
CA PRO A 192 -1.79 -0.72 9.94
C PRO A 192 -1.45 -1.85 8.98
N ILE A 193 -0.61 -1.53 8.00
CA ILE A 193 -0.09 -2.50 7.04
C ILE A 193 1.34 -2.82 7.41
N ARG A 194 1.65 -4.11 7.48
CA ARG A 194 3.01 -4.58 7.69
C ARG A 194 3.59 -5.09 6.38
N SER A 195 4.80 -4.64 6.04
CA SER A 195 5.47 -5.02 4.81
C SER A 195 6.65 -5.93 5.11
N TYR A 196 6.78 -6.99 4.32
CA TYR A 196 7.83 -7.98 4.51
C TYR A 196 8.52 -8.22 3.17
N GLY A 197 9.86 -8.17 3.18
CA GLY A 197 10.66 -8.40 2.00
C GLY A 197 11.20 -9.81 1.95
N HIS A 198 11.39 -10.32 0.74
CA HIS A 198 11.88 -11.67 0.54
C HIS A 198 12.80 -11.72 -0.67
N ALA A 199 13.74 -12.66 -0.64
CA ALA A 199 14.67 -12.89 -1.74
C ALA A 199 14.62 -14.37 -2.13
N LYS A 200 15.29 -14.68 -3.23
CA LYS A 200 15.37 -16.07 -3.69
C LYS A 200 15.90 -16.97 -2.59
N GLY A 201 15.21 -18.08 -2.36
CA GLY A 201 15.56 -19.01 -1.32
C GLY A 201 14.71 -18.90 -0.07
N ASP A 202 14.00 -17.78 0.12
CA ASP A 202 13.19 -17.61 1.31
C ASP A 202 11.92 -18.45 1.25
N LEU A 203 11.48 -18.89 2.42
CA LEU A 203 10.18 -19.50 2.61
C LEU A 203 9.48 -18.77 3.74
N TYR A 204 8.15 -18.63 3.63
CA TYR A 204 7.41 -18.02 4.72
C TYR A 204 6.04 -18.67 4.83
N LEU A 205 5.51 -18.66 6.05
CA LEU A 205 4.20 -19.22 6.36
C LEU A 205 3.21 -18.08 6.59
N LEU A 206 2.00 -18.24 6.08
CA LEU A 206 1.01 -17.17 6.13
C LEU A 206 -0.35 -17.76 6.44
N ARG A 207 -1.03 -17.19 7.43
CA ARG A 207 -2.40 -17.56 7.78
C ARG A 207 -3.32 -16.88 6.78
N SER A 208 -3.54 -17.53 5.65
CA SER A 208 -4.13 -16.87 4.47
C SER A 208 -5.62 -16.56 4.64
N ASP A 209 -6.35 -17.32 5.46
CA ASP A 209 -7.80 -17.10 5.55
C ASP A 209 -8.14 -15.85 6.34
N THR A 210 -7.25 -15.38 7.22
CA THR A 210 -7.53 -14.22 8.05
C THR A 210 -6.51 -13.10 7.87
N THR A 211 -5.58 -13.23 6.93
CA THR A 211 -4.55 -12.21 6.70
C THR A 211 -4.75 -11.64 5.29
N LEU A 212 -5.33 -10.45 5.21
CA LEU A 212 -5.42 -9.72 3.96
C LEU A 212 -4.02 -9.37 3.48
N HIS A 213 -3.67 -9.79 2.25
CA HIS A 213 -2.30 -9.63 1.80
C HIS A 213 -2.25 -9.46 0.28
N ARG A 214 -1.11 -8.92 -0.17
CA ARG A 214 -0.84 -8.68 -1.57
C ARG A 214 0.66 -8.58 -1.76
N THR A 215 1.08 -8.50 -3.02
CA THR A 215 2.45 -8.15 -3.37
C THR A 215 2.45 -6.80 -4.07
N VAL A 216 3.42 -5.96 -3.73
CA VAL A 216 3.54 -4.64 -4.36
C VAL A 216 3.86 -4.83 -5.84
N PRO A 217 3.20 -4.10 -6.74
CA PRO A 217 3.38 -4.35 -8.17
C PRO A 217 4.82 -4.09 -8.62
N LEU A 218 5.29 -4.92 -9.55
CA LEU A 218 6.58 -4.69 -10.18
C LEU A 218 6.57 -3.36 -10.91
N ASN A 219 7.62 -2.56 -10.71
CA ASN A 219 7.77 -1.29 -11.41
C ASN A 219 8.75 -1.37 -12.58
N ALA A 220 9.19 -2.57 -12.95
CA ALA A 220 10.12 -2.73 -14.05
C ALA A 220 9.98 -4.15 -14.59
N ASP A 221 10.67 -4.40 -15.70
CA ASP A 221 10.69 -5.73 -16.30
C ASP A 221 11.57 -6.67 -15.50
N ARG A 222 11.00 -7.33 -14.50
N ARG A 222 11.00 -7.35 -14.51
CA ARG A 222 11.71 -8.26 -13.64
CA ARG A 222 11.74 -8.28 -13.67
C ARG A 222 10.90 -9.54 -13.48
C ARG A 222 10.89 -9.52 -13.44
N THR A 223 11.53 -10.58 -12.98
CA THR A 223 10.90 -11.89 -12.80
C THR A 223 10.83 -12.23 -11.31
N ARG A 224 9.62 -12.55 -10.84
CA ARG A 224 9.41 -13.03 -9.48
C ARG A 224 8.52 -14.26 -9.55
N ILE A 225 9.02 -15.39 -9.06
CA ILE A 225 8.33 -16.67 -9.13
C ILE A 225 8.20 -17.24 -7.73
N ILE A 226 7.00 -17.72 -7.40
CA ILE A 226 6.76 -18.37 -6.12
C ILE A 226 6.05 -19.70 -6.35
N LEU A 227 6.29 -20.64 -5.44
CA LEU A 227 5.47 -21.84 -5.33
C LEU A 227 4.61 -21.70 -4.07
N ASN A 228 3.32 -22.02 -4.21
CA ASN A 228 2.38 -21.91 -3.12
C ASN A 228 1.93 -23.32 -2.74
N THR A 229 2.36 -23.78 -1.57
CA THR A 229 1.86 -25.02 -0.98
C THR A 229 0.90 -24.66 0.14
N CYS A 230 -0.37 -25.02 -0.03
CA CYS A 230 -1.45 -24.57 0.85
C CYS A 230 -2.03 -25.77 1.60
N TRP A 231 -1.84 -25.79 2.92
CA TRP A 231 -2.43 -26.79 3.78
C TRP A 231 -3.64 -26.21 4.51
N ALA A 232 -4.34 -27.06 5.24
CA ALA A 232 -5.61 -26.67 5.84
C ALA A 232 -5.69 -27.14 7.29
N SER A 233 -6.72 -26.66 7.97
CA SER A 233 -7.02 -27.05 9.35
C SER A 233 -8.08 -28.14 9.37
N ARG A 234 -8.36 -28.66 10.57
CA ARG A 234 -9.40 -29.66 10.71
C ARG A 234 -10.77 -29.07 10.41
N ALA A 235 -11.04 -27.86 10.88
CA ALA A 235 -12.30 -27.20 10.57
C ALA A 235 -12.41 -26.90 9.07
N ASP A 236 -11.28 -26.74 8.39
CA ASP A 236 -11.31 -26.50 6.95
C ASP A 236 -11.87 -27.68 6.18
N GLN A 237 -11.75 -28.90 6.74
CA GLN A 237 -12.13 -30.10 6.00
C GLN A 237 -13.62 -30.12 5.69
N GLN A 238 -14.46 -29.95 6.71
CA GLN A 238 -15.91 -29.93 6.54
C GLN A 238 -16.44 -28.53 6.27
N LYS A 239 -15.63 -27.65 5.70
CA LYS A 239 -16.01 -26.26 5.48
C LYS A 239 -16.59 -26.10 4.09
N ALA A 240 -17.83 -25.59 4.02
CA ALA A 240 -18.47 -25.30 2.74
C ALA A 240 -17.72 -24.20 2.02
N THR A 241 -17.05 -24.54 0.93
CA THR A 241 -16.18 -23.61 0.22
C THR A 241 -16.58 -23.55 -1.25
N THR A 242 -16.69 -22.34 -1.79
CA THR A 242 -16.79 -22.10 -3.21
C THR A 242 -15.47 -21.54 -3.72
N HIS A 243 -15.02 -22.02 -4.88
CA HIS A 243 -13.66 -21.77 -5.32
C HIS A 243 -13.63 -20.90 -6.57
N GLU A 244 -14.35 -19.78 -6.55
CA GLU A 244 -14.47 -18.95 -7.74
C GLU A 244 -13.18 -18.21 -8.07
N THR A 245 -12.37 -17.89 -7.06
CA THR A 245 -11.11 -17.18 -7.32
C THR A 245 -10.11 -18.10 -8.00
N MET A 246 -10.01 -19.35 -7.53
CA MET A 246 -9.08 -20.29 -8.13
C MET A 246 -9.50 -20.66 -9.55
N ASN A 247 -10.80 -20.77 -9.79
CA ASN A 247 -11.27 -21.09 -11.14
C ASN A 247 -10.90 -19.98 -12.12
N ALA A 248 -10.81 -18.74 -11.66
CA ALA A 248 -10.53 -17.63 -12.56
C ALA A 248 -9.04 -17.49 -12.84
N MET A 249 -8.19 -17.74 -11.85
CA MET A 249 -6.75 -17.67 -12.04
C MET A 249 -6.16 -18.95 -12.62
N PHE A 250 -6.83 -20.08 -12.46
CA PHE A 250 -6.28 -21.35 -12.91
C PHE A 250 -7.27 -22.14 -13.76
N SER B 5 -19.18 37.49 -2.33
CA SER B 5 -19.52 37.52 -0.91
C SER B 5 -18.27 37.33 -0.06
N ILE B 6 -17.56 36.23 -0.29
CA ILE B 6 -16.30 35.96 0.40
C ILE B 6 -15.17 36.49 -0.45
N THR B 7 -14.41 37.43 0.09
CA THR B 7 -13.35 38.12 -0.63
C THR B 7 -12.08 38.13 0.22
N ALA B 8 -10.98 38.55 -0.40
CA ALA B 8 -9.73 38.67 0.33
C ALA B 8 -9.82 39.69 1.46
N ALA B 9 -10.82 40.57 1.45
CA ALA B 9 -10.94 41.59 2.47
C ALA B 9 -11.65 41.10 3.72
N ASN B 10 -12.57 40.13 3.58
CA ASN B 10 -13.34 39.64 4.71
C ASN B 10 -13.03 38.19 5.08
N VAL B 11 -12.08 37.55 4.40
CA VAL B 11 -11.90 36.11 4.60
C VAL B 11 -11.18 35.81 5.93
N GLU B 12 -10.30 36.71 6.39
CA GLU B 12 -9.57 36.44 7.62
C GLU B 12 -10.51 36.42 8.83
N GLU B 13 -11.50 37.33 8.84
CA GLU B 13 -12.46 37.32 9.94
C GLU B 13 -13.31 36.06 9.93
N LEU B 14 -13.66 35.57 8.72
CA LEU B 14 -14.41 34.32 8.64
C LEU B 14 -13.54 33.13 9.05
N ILE B 15 -12.23 33.20 8.82
CA ILE B 15 -11.33 32.13 9.23
C ILE B 15 -11.18 32.13 10.74
N ALA B 16 -10.96 33.29 11.34
CA ALA B 16 -10.81 33.38 12.79
C ALA B 16 -12.11 33.01 13.51
N LYS B 17 -13.24 33.45 12.96
CA LYS B 17 -14.53 33.14 13.59
C LYS B 17 -14.80 31.64 13.60
N ASN B 18 -14.53 30.96 12.49
CA ASN B 18 -14.80 29.53 12.41
C ASN B 18 -13.88 28.75 13.34
N ILE B 19 -12.62 29.18 13.46
CA ILE B 19 -11.68 28.46 14.32
C ILE B 19 -12.07 28.59 15.77
N ALA B 20 -12.53 29.78 16.19
CA ALA B 20 -12.94 29.98 17.57
C ALA B 20 -14.15 29.11 17.92
N GLU B 21 -15.07 28.94 16.97
CA GLU B 21 -16.29 28.18 17.25
C GLU B 21 -16.07 26.69 17.09
N ARG B 22 -15.28 26.27 16.09
CA ARG B 22 -15.09 24.86 15.81
C ARG B 22 -14.10 24.20 16.76
N PHE B 23 -13.10 24.94 17.23
CA PHE B 23 -12.03 24.38 18.06
C PHE B 23 -12.02 25.01 19.44
N ALA B 24 -13.21 25.17 20.04
CA ALA B 24 -13.29 25.76 21.37
C ALA B 24 -12.91 24.76 22.47
N ASP B 25 -13.14 23.47 22.23
CA ASP B 25 -12.86 22.44 23.22
C ASP B 25 -11.35 22.21 23.26
N ASP B 26 -10.70 22.63 24.35
CA ASP B 26 -9.25 22.48 24.47
C ASP B 26 -8.82 21.02 24.46
N HIS B 27 -9.65 20.13 25.01
CA HIS B 27 -9.27 18.73 25.08
C HIS B 27 -9.29 18.08 23.69
N GLU B 28 -10.23 18.48 22.84
CA GLU B 28 -10.25 17.98 21.47
C GLU B 28 -9.03 18.48 20.70
N VAL B 29 -8.68 19.75 20.88
CA VAL B 29 -7.50 20.30 20.21
C VAL B 29 -6.24 19.57 20.67
N LEU B 30 -6.17 19.22 21.95
CA LEU B 30 -5.04 18.47 22.47
C LEU B 30 -4.90 17.12 21.77
N GLY B 31 -6.02 16.44 21.54
CA GLY B 31 -5.96 15.16 20.84
C GLY B 31 -5.54 15.31 19.39
N LEU B 32 -6.00 16.37 18.73
CA LEU B 32 -5.57 16.63 17.36
C LEU B 32 -4.08 16.89 17.29
N SER B 33 -3.55 17.67 18.24
CA SER B 33 -2.11 17.91 18.28
C SER B 33 -1.34 16.63 18.51
N GLN B 34 -1.83 15.76 19.40
CA GLN B 34 -1.13 14.52 19.70
C GLN B 34 -1.19 13.56 18.52
N HIS B 35 -2.33 13.52 17.81
CA HIS B 35 -2.43 12.72 16.60
C HIS B 35 -1.41 13.20 15.56
N PHE B 36 -1.28 14.52 15.41
CA PHE B 36 -0.36 15.06 14.42
C PHE B 36 1.09 14.71 14.75
N ARG B 37 1.48 14.85 16.02
CA ARG B 37 2.86 14.55 16.41
C ARG B 37 3.16 13.06 16.29
N ARG B 38 2.21 12.23 16.71
CA ARG B 38 2.47 10.78 16.75
C ARG B 38 2.45 10.18 15.35
N GLU B 39 1.50 10.59 14.52
CA GLU B 39 1.28 9.99 13.21
C GLU B 39 1.85 10.81 12.06
N GLY B 40 2.36 12.01 12.33
CA GLY B 40 2.76 12.88 11.24
C GLY B 40 1.62 13.36 10.38
N TYR B 41 0.38 13.18 10.84
CA TYR B 41 -0.81 13.49 10.06
C TYR B 41 -1.96 13.69 11.02
N VAL B 42 -2.88 14.58 10.65
CA VAL B 42 -4.15 14.70 11.36
C VAL B 42 -5.19 15.29 10.40
N LYS B 43 -6.33 14.62 10.30
CA LYS B 43 -7.46 15.16 9.56
C LYS B 43 -8.12 16.26 10.38
N LEU B 44 -8.44 17.37 9.71
CA LEU B 44 -8.98 18.56 10.37
C LEU B 44 -10.32 18.95 9.76
N PRO B 45 -11.38 18.21 10.09
CA PRO B 45 -12.72 18.64 9.66
C PRO B 45 -13.07 19.99 10.26
N GLY B 46 -13.55 20.89 9.41
CA GLY B 46 -13.88 22.23 9.86
C GLY B 46 -12.71 23.14 10.11
N LEU B 47 -11.53 22.83 9.55
CA LEU B 47 -10.41 23.76 9.63
C LEU B 47 -10.82 25.12 9.08
N VAL B 48 -11.60 25.13 8.00
CA VAL B 48 -12.31 26.31 7.53
C VAL B 48 -13.78 25.93 7.41
N SER B 49 -14.63 26.96 7.40
CA SER B 49 -16.06 26.73 7.26
C SER B 49 -16.38 26.18 5.87
N PRO B 50 -17.53 25.52 5.72
CA PRO B 50 -17.94 25.08 4.38
C PRO B 50 -18.02 26.21 3.37
N GLU B 51 -18.42 27.41 3.81
CA GLU B 51 -18.52 28.54 2.91
C GLU B 51 -17.15 28.99 2.43
N VAL B 52 -16.17 29.04 3.33
CA VAL B 52 -14.82 29.42 2.93
C VAL B 52 -14.21 28.38 2.02
N PHE B 53 -14.46 27.10 2.29
CA PHE B 53 -13.96 26.05 1.41
C PHE B 53 -14.57 26.15 0.02
N ASP B 54 -15.89 26.37 -0.05
CA ASP B 54 -16.55 26.50 -1.35
C ASP B 54 -16.00 27.69 -2.12
N ALA B 55 -15.63 28.76 -1.43
CA ALA B 55 -15.06 29.92 -2.10
C ALA B 55 -13.67 29.61 -2.64
N VAL B 56 -12.85 28.88 -1.87
CA VAL B 56 -11.53 28.49 -2.35
C VAL B 56 -11.64 27.48 -3.49
N ALA B 57 -12.59 26.55 -3.37
CA ALA B 57 -12.78 25.57 -4.44
C ALA B 57 -13.24 26.24 -5.73
N ALA B 58 -14.09 27.26 -5.61
CA ALA B 58 -14.53 28.00 -6.79
C ALA B 58 -13.37 28.75 -7.43
N GLU B 59 -12.52 29.39 -6.61
CA GLU B 59 -11.33 30.04 -7.15
C GLU B 59 -10.38 29.04 -7.78
N THR B 60 -10.24 27.86 -7.17
CA THR B 60 -9.38 26.83 -7.75
C THR B 60 -9.88 26.41 -9.12
N HIS B 61 -11.19 26.21 -9.27
CA HIS B 61 -11.74 25.81 -10.56
C HIS B 61 -11.58 26.91 -11.60
N GLN B 62 -11.74 28.18 -11.21
CA GLN B 62 -11.60 29.26 -12.17
C GLN B 62 -10.15 29.44 -12.60
N LEU B 63 -9.19 29.19 -11.70
CA LEU B 63 -7.78 29.27 -12.09
C LEU B 63 -7.41 28.13 -13.03
N ILE B 64 -7.96 26.95 -12.80
CA ILE B 64 -7.72 25.82 -13.71
C ILE B 64 -8.31 26.11 -15.08
N ASP B 65 -9.58 26.50 -15.13
CA ASP B 65 -10.25 26.74 -16.40
C ASP B 65 -9.59 27.88 -17.16
N THR B 66 -9.21 28.95 -16.46
CA THR B 66 -8.61 30.10 -17.13
C THR B 66 -7.27 29.74 -17.76
N HIS B 67 -6.43 29.01 -17.01
CA HIS B 67 -5.09 28.72 -17.50
C HIS B 67 -5.08 27.56 -18.50
N GLN B 68 -6.05 26.64 -18.41
CA GLN B 68 -6.16 25.61 -19.42
C GLN B 68 -6.60 26.19 -20.76
N LYS B 69 -7.49 27.18 -20.73
CA LYS B 69 -7.98 27.78 -21.96
C LYS B 69 -6.88 28.60 -22.64
N ARG B 70 -6.06 29.30 -21.85
CA ARG B 70 -4.94 30.04 -22.43
C ARG B 70 -3.95 29.10 -23.09
N ILE B 71 -3.69 27.95 -22.47
CA ILE B 71 -2.80 26.97 -23.08
C ILE B 71 -3.42 26.40 -24.35
N ASP B 72 -4.72 26.12 -24.32
CA ASP B 72 -5.41 25.60 -25.50
C ASP B 72 -5.27 26.55 -26.68
N ILE B 73 -5.45 27.85 -26.44
CA ILE B 73 -5.41 28.83 -27.51
C ILE B 73 -3.99 28.95 -28.07
N ARG B 74 -3.00 29.05 -27.18
CA ARG B 74 -1.62 29.22 -27.63
C ARG B 74 -1.13 28.01 -28.43
N LEU B 75 -1.60 26.81 -28.08
CA LEU B 75 -1.16 25.61 -28.79
C LEU B 75 -1.77 25.56 -30.19
N LYS B 76 -3.04 25.96 -30.33
CA LYS B 76 -3.65 26.03 -31.65
C LYS B 76 -2.95 27.05 -32.53
N GLU B 77 -2.42 28.12 -31.94
CA GLU B 77 -1.76 29.17 -32.72
C GLU B 77 -0.43 28.68 -33.28
N THR B 78 0.24 27.75 -32.59
CA THR B 78 1.52 27.22 -33.03
C THR B 78 1.38 25.91 -33.79
N GLY B 79 0.16 25.42 -34.00
CA GLY B 79 -0.03 24.17 -34.70
C GLY B 79 0.29 22.95 -33.86
N ASP B 80 0.35 23.10 -32.55
CA ASP B 80 0.74 22.01 -31.65
C ASP B 80 -0.49 21.30 -31.10
N SER B 81 -0.28 20.05 -30.70
CA SER B 81 -1.37 19.20 -30.21
C SER B 81 -1.80 19.66 -28.82
N PRO B 82 -3.06 19.40 -28.44
CA PRO B 82 -3.55 19.85 -27.13
C PRO B 82 -2.84 19.13 -26.00
N ARG B 83 -2.77 19.82 -24.86
CA ARG B 83 -2.08 19.31 -23.69
C ARG B 83 -2.94 19.53 -22.45
N TYR B 84 -3.02 18.51 -21.61
CA TYR B 84 -3.75 18.59 -20.35
C TYR B 84 -2.87 19.26 -19.31
N MET B 85 -3.34 20.39 -18.79
CA MET B 85 -2.62 21.12 -17.75
C MET B 85 -2.93 20.48 -16.40
N SER B 86 -1.90 19.90 -15.76
CA SER B 86 -2.07 19.19 -14.50
C SER B 86 -1.65 20.02 -13.28
N THR B 87 -1.05 21.19 -13.49
CA THR B 87 -0.54 21.99 -12.37
C THR B 87 -0.78 23.47 -12.62
N VAL B 88 -1.24 24.16 -11.58
CA VAL B 88 -1.27 25.61 -11.55
C VAL B 88 -0.29 26.04 -10.47
N GLY B 89 0.81 26.68 -10.88
CA GLY B 89 1.88 27.01 -9.96
C GLY B 89 1.60 28.23 -9.11
N GLN B 90 2.50 28.46 -8.15
CA GLN B 90 2.30 29.55 -7.20
C GLN B 90 2.31 30.91 -7.88
N LYS B 91 3.17 31.09 -8.88
CA LYS B 91 3.21 32.36 -9.59
C LYS B 91 1.87 32.66 -10.25
N ALA B 92 1.26 31.65 -10.88
CA ALA B 92 -0.03 31.85 -11.53
C ALA B 92 -1.13 32.15 -10.51
N ILE B 93 -1.09 31.46 -9.37
CA ILE B 93 -2.09 31.71 -8.33
C ILE B 93 -1.92 33.10 -7.74
N ALA B 94 -0.68 33.48 -7.40
CA ALA B 94 -0.44 34.80 -6.85
C ALA B 94 -0.83 35.90 -7.83
N THR B 95 -0.67 35.66 -9.13
CA THR B 95 -1.00 36.67 -10.12
C THR B 95 -2.51 36.81 -10.29
N ASP B 96 -3.20 35.69 -10.50
CA ASP B 96 -4.61 35.73 -10.88
C ASP B 96 -5.56 35.29 -9.77
N GLY B 97 -5.05 34.67 -8.70
CA GLY B 97 -5.90 34.33 -7.57
C GLY B 97 -6.08 35.48 -6.62
N SER B 98 -6.85 35.23 -5.57
CA SER B 98 -7.17 36.28 -4.60
C SER B 98 -7.36 35.69 -3.21
N LEU B 99 -8.26 34.70 -3.08
CA LEU B 99 -8.52 34.11 -1.79
C LEU B 99 -7.37 33.22 -1.32
N ILE B 100 -6.78 32.46 -2.25
CA ILE B 100 -5.71 31.53 -1.87
C ILE B 100 -4.49 32.26 -1.32
N PRO B 101 -3.99 33.34 -1.93
CA PRO B 101 -2.90 34.09 -1.28
C PRO B 101 -3.30 34.67 0.06
N ALA B 102 -4.56 35.09 0.23
CA ALA B 102 -4.99 35.63 1.51
C ALA B 102 -5.04 34.54 2.57
N VAL B 103 -5.56 33.35 2.21
CA VAL B 103 -5.61 32.24 3.15
C VAL B 103 -4.20 31.83 3.57
N TYR B 104 -3.25 31.87 2.64
CA TYR B 104 -1.88 31.50 2.98
C TYR B 104 -1.25 32.46 3.98
N GLU B 105 -1.68 33.72 3.96
CA GLU B 105 -1.17 34.73 4.89
C GLU B 105 -2.05 34.91 6.11
N SER B 106 -2.97 33.97 6.36
CA SER B 106 -3.92 34.12 7.46
C SER B 106 -3.22 33.95 8.79
N THR B 107 -3.35 34.97 9.65
CA THR B 107 -2.77 34.88 10.99
C THR B 107 -3.50 33.86 11.84
N ALA B 108 -4.83 33.81 11.73
CA ALA B 108 -5.61 32.86 12.53
C ALA B 108 -5.32 31.42 12.13
N LEU B 109 -5.20 31.16 10.83
CA LEU B 109 -4.94 29.80 10.38
C LEU B 109 -3.57 29.31 10.85
N LYS B 110 -2.53 30.12 10.63
CA LYS B 110 -1.19 29.75 11.07
C LYS B 110 -1.08 29.69 12.59
N GLY B 111 -1.89 30.48 13.30
CA GLY B 111 -1.90 30.41 14.75
C GLY B 111 -2.45 29.09 15.26
N PHE B 112 -3.53 28.61 14.65
CA PHE B 112 -4.09 27.33 15.06
C PHE B 112 -3.17 26.18 14.69
N LEU B 113 -2.57 26.22 13.50
CA LEU B 113 -1.61 25.18 13.12
C LEU B 113 -0.40 25.21 14.04
N SER B 114 0.02 26.40 14.47
CA SER B 114 1.10 26.48 15.45
C SER B 114 0.70 25.86 16.78
N ARG B 115 -0.58 25.94 17.14
CA ARG B 115 -1.05 25.28 18.34
C ARG B 115 -0.94 23.77 18.23
N LEU B 116 -1.32 23.22 17.06
CA LEU B 116 -1.20 21.78 16.85
C LEU B 116 0.27 21.35 16.82
N ALA B 117 1.12 22.12 16.17
CA ALA B 117 2.53 21.75 16.03
C ALA B 117 3.34 22.05 17.29
N LYS B 118 2.82 22.85 18.21
CA LYS B 118 3.54 23.29 19.41
C LYS B 118 4.83 24.03 19.04
N GLU B 119 4.83 24.64 17.85
CA GLU B 119 5.93 25.48 17.39
C GLU B 119 5.38 26.40 16.31
N GLU B 120 6.17 27.43 15.97
CA GLU B 120 5.68 28.44 15.05
C GLU B 120 5.56 27.88 13.64
N VAL B 121 4.39 28.09 13.03
CA VAL B 121 4.12 27.73 11.65
C VAL B 121 4.11 29.02 10.84
N MET B 122 5.06 29.17 9.93
CA MET B 122 5.27 30.43 9.23
C MET B 122 5.34 30.18 7.72
N GLY B 123 5.48 31.27 6.99
CA GLY B 123 5.54 31.18 5.54
C GLY B 123 6.78 30.47 5.06
N CYS B 124 6.64 29.82 3.91
CA CYS B 124 7.73 29.05 3.31
C CYS B 124 8.74 29.99 2.67
N PRO B 125 10.05 29.72 2.83
CA PRO B 125 11.06 30.60 2.26
C PRO B 125 11.18 30.49 0.74
N TRP B 126 10.68 29.42 0.14
CA TRP B 126 10.69 29.25 -1.32
C TRP B 126 9.28 29.56 -1.83
N ASP B 127 9.14 30.66 -2.57
CA ASP B 127 7.82 31.10 -3.03
C ASP B 127 7.15 30.02 -3.86
N GLU B 128 7.92 29.28 -4.66
CA GLU B 128 7.34 28.33 -5.60
C GLU B 128 6.61 27.18 -4.91
N GLU B 129 6.82 26.98 -3.61
CA GLU B 129 6.21 25.88 -2.88
C GLU B 129 5.12 26.34 -1.91
N LYS B 130 4.76 27.62 -1.93
CA LYS B 130 3.77 28.12 -0.98
C LYS B 130 2.40 27.53 -1.24
N TYR B 131 1.90 27.63 -2.47
CA TYR B 131 0.63 27.01 -2.82
C TYR B 131 0.66 26.56 -4.27
N ILE B 132 0.14 25.36 -4.52
CA ILE B 132 0.11 24.75 -5.85
C ILE B 132 -1.20 24.00 -6.01
N ILE B 133 -1.81 24.11 -7.19
CA ILE B 133 -2.98 23.33 -7.56
C ILE B 133 -2.52 22.18 -8.46
N THR B 134 -2.98 20.97 -8.14
CA THR B 134 -2.64 19.78 -8.91
C THR B 134 -3.91 19.00 -9.20
N ARG B 135 -4.06 18.55 -10.45
CA ARG B 135 -5.18 17.68 -10.80
C ARG B 135 -4.68 16.45 -11.54
N GLN B 136 -5.27 15.30 -11.21
CA GLN B 136 -5.08 14.04 -11.91
C GLN B 136 -6.41 13.65 -12.54
N HIS B 137 -6.34 12.81 -13.58
CA HIS B 137 -7.59 12.44 -14.27
C HIS B 137 -7.50 11.13 -15.03
N GLN B 138 -6.39 10.41 -14.93
CA GLN B 138 -6.20 9.21 -15.72
C GLN B 138 -5.86 8.01 -14.82
N LYS B 139 -6.31 6.83 -15.25
CA LYS B 139 -5.96 5.59 -14.58
C LYS B 139 -4.45 5.48 -14.42
N GLY B 140 -4.02 5.19 -13.20
CA GLY B 140 -2.62 5.07 -12.88
C GLY B 140 -1.99 6.31 -12.29
N ASP B 141 -2.69 7.45 -12.32
CA ASP B 141 -2.15 8.66 -11.72
C ASP B 141 -1.94 8.48 -10.23
N THR B 142 -0.78 8.92 -9.74
CA THR B 142 -0.40 8.67 -8.37
C THR B 142 0.73 9.61 -7.97
N HIS B 143 0.94 9.72 -6.66
CA HIS B 143 2.14 10.28 -6.09
C HIS B 143 2.88 9.15 -5.39
N GLY B 144 4.06 8.81 -5.89
CA GLY B 144 4.84 7.74 -5.30
C GLY B 144 5.39 8.12 -3.94
N TRP B 145 6.02 7.13 -3.30
CA TRP B 145 6.63 7.33 -1.99
C TRP B 145 7.65 8.46 -2.06
N HIS B 146 7.49 9.45 -1.19
CA HIS B 146 8.40 10.60 -1.17
C HIS B 146 8.24 11.37 0.13
N TRP B 147 9.21 12.25 0.37
CA TRP B 147 9.16 13.24 1.43
C TRP B 147 9.00 14.62 0.83
N GLY B 148 8.55 15.57 1.65
CA GLY B 148 8.48 16.96 1.24
C GLY B 148 9.73 17.73 1.65
N ASP B 149 9.80 18.97 1.18
CA ASP B 149 10.92 19.84 1.53
C ASP B 149 10.71 20.62 2.81
N PHE B 150 9.46 20.79 3.25
CA PHE B 150 9.16 21.63 4.40
C PHE B 150 8.24 20.88 5.36
N SER B 151 7.94 21.52 6.49
CA SER B 151 7.42 20.83 7.66
C SER B 151 5.91 20.69 7.68
N PHE B 152 5.17 21.73 7.30
CA PHE B 152 3.73 21.80 7.56
C PHE B 152 2.96 21.98 6.25
N THR B 153 2.35 20.90 5.77
CA THR B 153 1.56 20.92 4.54
C THR B 153 0.10 20.65 4.86
N VAL B 154 -0.78 21.50 4.35
CA VAL B 154 -2.22 21.30 4.44
C VAL B 154 -2.75 21.03 3.04
N ILE B 155 -3.43 19.90 2.88
CA ILE B 155 -3.98 19.47 1.60
C ILE B 155 -5.49 19.70 1.62
N TRP B 156 -6.00 20.37 0.58
CA TRP B 156 -7.43 20.60 0.40
C TRP B 156 -7.94 19.68 -0.69
N LEU B 157 -8.94 18.87 -0.38
CA LEU B 157 -9.57 17.99 -1.37
C LEU B 157 -10.62 18.79 -2.13
N ILE B 158 -10.21 19.38 -3.25
CA ILE B 158 -11.14 20.20 -4.03
C ILE B 158 -12.14 19.32 -4.77
N GLU B 159 -11.66 18.29 -5.45
CA GLU B 159 -12.50 17.31 -6.12
C GLU B 159 -11.88 15.94 -5.95
N ALA B 160 -12.71 14.92 -5.76
CA ALA B 160 -12.18 13.58 -5.56
C ALA B 160 -13.25 12.54 -5.82
N PRO B 161 -12.94 11.44 -6.48
CA PRO B 161 -13.88 10.33 -6.59
C PRO B 161 -13.90 9.51 -5.31
N SER B 162 -14.75 8.50 -5.27
CA SER B 162 -14.81 7.60 -4.13
C SER B 162 -13.48 6.89 -3.96
N LEU B 163 -13.18 6.49 -2.72
CA LEU B 163 -11.90 5.85 -2.42
C LEU B 163 -11.73 4.53 -3.15
N GLU B 164 -12.83 3.90 -3.59
CA GLU B 164 -12.73 2.68 -4.37
C GLU B 164 -12.01 2.91 -5.69
N TYR B 165 -11.89 4.16 -6.13
CA TYR B 165 -11.19 4.52 -7.35
C TYR B 165 -9.73 4.87 -7.12
N GLY B 166 -9.27 4.86 -5.87
CA GLY B 166 -7.92 5.23 -5.53
C GLY B 166 -7.86 6.57 -4.80
N GLY B 167 -6.64 7.02 -4.56
CA GLY B 167 -6.40 8.32 -3.95
C GLY B 167 -6.11 8.28 -2.46
N MET B 168 -6.19 7.12 -1.83
CA MET B 168 -5.94 7.02 -0.40
C MET B 168 -4.50 7.42 -0.07
N LEU B 169 -4.34 8.18 1.00
CA LEU B 169 -3.02 8.57 1.48
C LEU B 169 -2.45 7.48 2.38
N GLN B 170 -1.13 7.29 2.30
CA GLN B 170 -0.43 6.31 3.13
C GLN B 170 0.81 6.97 3.72
N CYS B 171 1.09 6.68 4.98
CA CYS B 171 2.09 7.44 5.73
C CYS B 171 2.96 6.52 6.57
N ILE B 172 4.22 6.92 6.72
CA ILE B 172 5.14 6.37 7.72
C ILE B 172 5.82 7.55 8.41
N PRO B 173 5.44 7.90 9.64
CA PRO B 173 6.01 9.08 10.29
C PRO B 173 7.39 8.79 10.87
N HIS B 174 8.05 9.88 11.28
CA HIS B 174 9.32 9.81 12.01
C HIS B 174 10.41 9.13 11.19
N THR B 175 10.49 9.50 9.91
CA THR B 175 11.57 9.09 9.01
C THR B 175 12.28 10.34 8.51
N ASP B 176 13.23 10.15 7.60
CA ASP B 176 14.00 11.27 7.05
C ASP B 176 14.32 11.01 5.59
N TRP B 177 14.53 12.09 4.86
CA TRP B 177 14.81 12.06 3.43
C TRP B 177 16.32 12.21 3.22
N ASN B 178 16.96 11.15 2.77
CA ASN B 178 18.38 11.15 2.41
C ASN B 178 18.44 11.02 0.89
N LYS B 179 18.73 12.12 0.21
CA LYS B 179 18.72 12.12 -1.25
C LYS B 179 19.76 11.18 -1.83
N ASP B 180 20.91 11.04 -1.16
CA ASP B 180 21.95 10.15 -1.66
C ASP B 180 21.56 8.68 -1.52
N ASP B 181 20.74 8.35 -0.53
CA ASP B 181 20.32 6.98 -0.27
C ASP B 181 18.96 7.00 0.40
N PRO B 182 17.88 7.10 -0.39
CA PRO B 182 16.55 7.23 0.23
C PRO B 182 16.11 6.02 1.02
N ARG B 183 16.43 4.81 0.54
CA ARG B 183 16.14 3.57 1.27
C ARG B 183 14.67 3.46 1.64
N VAL B 184 13.80 3.69 0.65
CA VAL B 184 12.36 3.63 0.89
C VAL B 184 11.95 2.23 1.31
N GLU B 185 12.49 1.20 0.65
CA GLU B 185 12.09 -0.17 0.93
C GLU B 185 12.49 -0.59 2.34
N ASP B 186 13.58 -0.02 2.88
N ASP B 186 13.57 -0.01 2.87
CA ASP B 186 13.95 -0.33 4.25
CA ASP B 186 13.97 -0.31 4.24
C ASP B 186 12.96 0.29 5.24
C ASP B 186 12.99 0.29 5.24
N TYR B 187 12.47 1.49 4.96
CA TYR B 187 11.51 2.13 5.85
C TYR B 187 10.19 1.38 5.86
N LEU B 188 9.75 0.87 4.70
CA LEU B 188 8.51 0.11 4.66
C LEU B 188 8.62 -1.19 5.45
N GLN B 189 9.81 -1.80 5.46
CA GLN B 189 9.98 -3.06 6.18
C GLN B 189 10.13 -2.86 7.68
N LYS B 190 10.59 -1.68 8.10
CA LYS B 190 10.86 -1.44 9.51
C LYS B 190 9.67 -0.85 10.27
N HIS B 191 8.66 -0.35 9.58
CA HIS B 191 7.58 0.37 10.22
C HIS B 191 6.25 0.00 9.59
N PRO B 192 5.15 0.15 10.32
CA PRO B 192 3.83 -0.05 9.73
C PRO B 192 3.39 1.15 8.90
N ILE B 193 2.50 0.89 7.95
CA ILE B 193 1.92 1.91 7.10
C ILE B 193 0.50 2.21 7.58
N ARG B 194 0.20 3.49 7.76
CA ARG B 194 -1.15 3.94 8.08
CA ARG B 194 -1.15 3.94 8.08
C ARG B 194 -1.78 4.56 6.83
N SER B 195 -3.02 4.17 6.56
CA SER B 195 -3.74 4.65 5.38
C SER B 195 -4.90 5.54 5.81
N TYR B 196 -5.07 6.65 5.09
CA TYR B 196 -6.09 7.64 5.41
C TYR B 196 -6.87 7.99 4.17
N GLY B 197 -8.20 7.90 4.24
CA GLY B 197 -9.07 8.21 3.13
C GLY B 197 -9.69 9.59 3.27
N HIS B 198 -9.90 10.24 2.13
CA HIS B 198 -10.40 11.61 2.11
C HIS B 198 -11.44 11.76 1.01
N ALA B 199 -12.36 12.69 1.23
CA ALA B 199 -13.40 13.03 0.27
C ALA B 199 -13.38 14.53 0.03
N LYS B 200 -14.11 14.97 -0.99
CA LYS B 200 -14.23 16.39 -1.29
C LYS B 200 -14.70 17.16 -0.05
N GLY B 201 -14.03 18.26 0.23
CA GLY B 201 -14.29 19.05 1.42
C GLY B 201 -13.31 18.83 2.55
N ASP B 202 -12.54 17.75 2.51
CA ASP B 202 -11.62 17.43 3.59
C ASP B 202 -10.34 18.27 3.50
N LEU B 203 -9.84 18.66 4.66
CA LEU B 203 -8.52 19.26 4.80
C LEU B 203 -7.74 18.46 5.82
N TYR B 204 -6.45 18.22 5.54
CA TYR B 204 -5.61 17.52 6.49
C TYR B 204 -4.23 18.14 6.54
N LEU B 205 -3.59 18.01 7.70
CA LEU B 205 -2.27 18.56 7.96
C LEU B 205 -1.25 17.42 7.94
N LEU B 206 -0.15 17.62 7.23
CA LEU B 206 0.86 16.58 7.05
C LEU B 206 2.23 17.13 7.41
N ARG B 207 2.96 16.38 8.24
CA ARG B 207 4.35 16.68 8.57
C ARG B 207 5.21 16.11 7.45
N SER B 208 5.22 16.82 6.32
CA SER B 208 5.70 16.25 5.06
C SER B 208 7.21 16.01 5.04
N ASP B 209 7.99 16.70 5.87
CA ASP B 209 9.44 16.53 5.80
C ASP B 209 9.91 15.24 6.45
N THR B 210 9.20 14.75 7.46
CA THR B 210 9.59 13.54 8.16
C THR B 210 8.58 12.40 8.02
N THR B 211 7.52 12.58 7.25
CA THR B 211 6.52 11.52 7.03
C THR B 211 6.63 11.07 5.58
N LEU B 212 7.24 9.90 5.37
CA LEU B 212 7.24 9.27 4.07
C LEU B 212 5.82 8.94 3.66
N HIS B 213 5.39 9.43 2.49
CA HIS B 213 3.99 9.31 2.14
C HIS B 213 3.81 9.11 0.64
N ARG B 214 2.64 8.60 0.28
N ARG B 214 2.62 8.62 0.29
CA ARG B 214 2.24 8.40 -1.11
CA ARG B 214 2.24 8.36 -1.09
C ARG B 214 0.72 8.36 -1.17
C ARG B 214 0.72 8.32 -1.16
N THR B 215 0.19 8.32 -2.38
CA THR B 215 -1.23 8.14 -2.62
C THR B 215 -1.45 6.90 -3.45
N VAL B 216 -2.57 6.22 -3.17
CA VAL B 216 -2.91 5.02 -3.94
C VAL B 216 -3.29 5.44 -5.36
N PRO B 217 -2.74 4.79 -6.40
CA PRO B 217 -3.00 5.23 -7.76
C PRO B 217 -4.47 5.12 -8.11
N LEU B 218 -4.94 6.05 -8.95
CA LEU B 218 -6.26 5.94 -9.53
C LEU B 218 -6.35 4.67 -10.37
N ASN B 219 -7.42 3.90 -10.16
CA ASN B 219 -7.66 2.68 -10.93
C ASN B 219 -8.65 2.91 -12.06
N ALA B 220 -9.06 4.15 -12.30
CA ALA B 220 -9.98 4.49 -13.39
C ALA B 220 -9.79 5.96 -13.73
N ASP B 221 -10.35 6.35 -14.88
CA ASP B 221 -10.28 7.74 -15.33
C ASP B 221 -11.28 8.56 -14.51
N ARG B 222 -10.79 9.21 -13.46
CA ARG B 222 -11.61 10.08 -12.63
C ARG B 222 -10.78 11.31 -12.26
N THR B 223 -11.46 12.44 -12.11
CA THR B 223 -10.80 13.71 -11.82
C THR B 223 -10.57 13.86 -10.32
N ARG B 224 -9.35 14.21 -9.94
CA ARG B 224 -8.98 14.46 -8.55
C ARG B 224 -8.15 15.74 -8.50
N ILE B 225 -8.64 16.73 -7.76
CA ILE B 225 -8.02 18.05 -7.67
C ILE B 225 -7.72 18.34 -6.21
N ILE B 226 -6.49 18.76 -5.94
CA ILE B 226 -6.07 19.13 -4.58
C ILE B 226 -5.38 20.50 -4.64
N LEU B 227 -5.60 21.28 -3.59
CA LEU B 227 -4.81 22.48 -3.33
C LEU B 227 -3.80 22.17 -2.24
N ASN B 228 -2.52 22.45 -2.51
CA ASN B 228 -1.44 22.17 -1.58
C ASN B 228 -0.93 23.48 -1.04
N THR B 229 -1.21 23.76 0.23
CA THR B 229 -0.69 24.92 0.93
C THR B 229 0.40 24.45 1.88
N CYS B 230 1.61 24.97 1.71
CA CYS B 230 2.80 24.48 2.42
C CYS B 230 3.39 25.60 3.25
N TRP B 231 3.41 25.41 4.57
CA TRP B 231 4.08 26.31 5.49
C TRP B 231 5.37 25.65 6.00
N ALA B 232 6.14 26.42 6.76
CA ALA B 232 7.46 26.00 7.18
C ALA B 232 7.67 26.27 8.66
N SER B 233 8.67 25.59 9.22
CA SER B 233 9.10 25.83 10.59
C SER B 233 10.13 26.96 10.63
N ARG B 234 10.47 27.39 11.84
CA ARG B 234 11.49 28.42 12.00
C ARG B 234 12.84 27.93 11.50
N ALA B 235 13.18 26.66 11.76
CA ALA B 235 14.43 26.12 11.27
C ALA B 235 14.42 25.95 9.76
N ASP B 236 13.24 25.82 9.17
CA ASP B 236 13.14 25.71 7.71
C ASP B 236 13.58 26.98 7.00
N GLN B 237 13.53 28.12 7.70
CA GLN B 237 13.90 29.39 7.08
C GLN B 237 15.36 29.43 6.66
N GLN B 238 16.22 28.58 7.24
CA GLN B 238 17.63 28.56 6.89
C GLN B 238 17.90 27.85 5.57
N LYS B 239 16.92 27.13 5.03
CA LYS B 239 17.11 26.42 3.76
C LYS B 239 16.55 27.25 2.60
C1 SIN C . 3.62 -14.01 -2.76
O1 SIN C . 4.57 -13.76 -1.98
O2 SIN C . 3.77 -13.84 -4.00
C2 SIN C . 2.28 -14.51 -2.23
C3 SIN C . 1.47 -15.24 -3.30
C4 SIN C . 0.13 -15.73 -2.78
O3 SIN C . -0.56 -15.01 -2.01
O4 SIN C . -0.29 -16.87 -3.11
N GLY D . -7.63 -17.03 -3.35
CA GLY D . -6.71 -16.75 -4.43
C GLY D . -6.64 -15.28 -4.80
O GLY D . -5.61 -14.78 -5.25
OXT GLY D . -7.63 -14.55 -4.66
C1 SIN E . 1.16 14.31 -2.03
O1 SIN E . 2.03 15.19 -1.78
O2 SIN E . 1.44 13.09 -1.88
C2 SIN E . -0.24 14.71 -2.50
C3 SIN E . -1.28 14.55 -1.41
C4 SIN E . -2.63 14.06 -1.95
O3 SIN E . -3.51 13.64 -1.15
O4 SIN E . -2.84 14.06 -3.19
C1 GOL F . -15.12 20.17 6.59
O1 GOL F . -13.81 20.67 6.49
C2 GOL F . -16.11 21.26 6.18
O2 GOL F . -15.65 22.50 6.65
C3 GOL F . -16.25 21.30 4.66
O3 GOL F . -15.04 21.68 4.08
#